data_4FUR
#
_entry.id   4FUR
#
_cell.length_a   83.510
_cell.length_b   145.010
_cell.length_c   137.180
_cell.angle_alpha   90.000
_cell.angle_beta   90.000
_cell.angle_gamma   90.000
#
_symmetry.space_group_name_H-M   'C 2 2 21'
#
loop_
_entity.id
_entity.type
_entity.pdbx_description
1 polymer 'Urease subunit gamma 2'
2 non-polymer 'CHLORIDE ION'
3 non-polymer 1,2-ETHANEDIOL
4 water water
#
_entity_poly.entity_id   1
_entity_poly.type   'polypeptide(L)'
_entity_poly.pdbx_seq_one_letter_code
;GPGSMHLTPREFDKLVIHMLSDVALKRKNKGLKLNHPEAVAVLSAYVLDGAREGKTVEEVMDGARSVLKADDVMDGVPDL
LPLIQVEAVFSDGSRLVSLHNPIT
;
_entity_poly.pdbx_strand_id   A,B,C,D,E,F
#
# COMPACT_ATOMS: atom_id res chain seq x y z
N MET A 5 -31.95 -0.21 -17.16
CA MET A 5 -30.86 -0.05 -18.19
C MET A 5 -30.59 -1.41 -18.84
N HIS A 6 -29.34 -1.66 -19.23
CA HIS A 6 -28.92 -2.97 -19.75
C HIS A 6 -27.42 -3.05 -19.79
N LEU A 7 -26.80 -3.03 -18.61
CA LEU A 7 -25.36 -2.96 -18.49
C LEU A 7 -24.70 -4.34 -18.52
N THR A 8 -23.74 -4.53 -19.42
CA THR A 8 -22.89 -5.71 -19.38
C THR A 8 -22.07 -5.69 -18.08
N PRO A 9 -21.47 -6.83 -17.69
CA PRO A 9 -20.53 -6.75 -16.55
C PRO A 9 -19.39 -5.74 -16.77
N ARG A 10 -18.89 -5.64 -18.01
CA ARG A 10 -17.79 -4.74 -18.35
C ARG A 10 -18.22 -3.29 -18.16
N GLU A 11 -19.43 -2.97 -18.62
CA GLU A 11 -19.97 -1.60 -18.49
C GLU A 11 -20.18 -1.21 -17.03
N PHE A 12 -20.67 -2.15 -16.23
CA PHE A 12 -20.87 -1.91 -14.80
C PHE A 12 -19.51 -1.65 -14.12
N ASP A 13 -18.52 -2.49 -14.44
CA ASP A 13 -17.16 -2.30 -13.90
C ASP A 13 -16.66 -0.91 -14.21
N LYS A 14 -16.96 -0.44 -15.42
CA LYS A 14 -16.56 0.90 -15.83
C LYS A 14 -17.21 1.97 -14.97
N LEU A 15 -18.50 1.80 -14.68
CA LEU A 15 -19.20 2.80 -13.86
C LEU A 15 -18.67 2.82 -12.41
N VAL A 16 -18.44 1.64 -11.83
CA VAL A 16 -17.82 1.47 -10.51
C VAL A 16 -16.53 2.28 -10.40
N ILE A 17 -15.65 2.09 -11.38
CA ILE A 17 -14.46 2.89 -11.56
C ILE A 17 -14.75 4.40 -11.52
N HIS A 18 -15.75 4.87 -12.29
CA HIS A 18 -16.06 6.30 -12.28
CA HIS A 18 -16.07 6.30 -12.28
C HIS A 18 -16.55 6.74 -10.92
N MET A 19 -17.34 5.89 -10.26
CA MET A 19 -17.85 6.22 -8.94
CA MET A 19 -17.87 6.16 -8.92
C MET A 19 -16.76 6.19 -7.84
N LEU A 20 -15.86 5.21 -7.90
CA LEU A 20 -14.73 5.15 -6.93
C LEU A 20 -13.80 6.32 -7.12
N SER A 21 -13.58 6.73 -8.38
CA SER A 21 -12.73 7.88 -8.70
C SER A 21 -13.32 9.20 -8.19
N ASP A 22 -14.62 9.42 -8.36
CA ASP A 22 -15.25 10.65 -7.83
C ASP A 22 -15.12 10.76 -6.31
N VAL A 23 -15.30 9.63 -5.64
CA VAL A 23 -15.10 9.51 -4.20
C VAL A 23 -13.64 9.81 -3.80
N ALA A 24 -12.74 9.24 -4.58
CA ALA A 24 -11.32 9.49 -4.43
C ALA A 24 -10.97 10.98 -4.59
N LEU A 25 -11.49 11.62 -5.64
CA LEU A 25 -11.09 13.00 -5.96
C LEU A 25 -11.68 13.97 -4.95
N LYS A 26 -12.85 13.63 -4.41
CA LYS A 26 -13.43 14.41 -3.34
C LYS A 26 -12.49 14.38 -2.13
N ARG A 27 -11.93 13.21 -1.82
CA ARG A 27 -11.02 13.08 -0.70
CA ARG A 27 -11.02 13.10 -0.69
C ARG A 27 -9.72 13.84 -0.97
N LYS A 28 -9.27 13.82 -2.23
CA LYS A 28 -8.08 14.56 -2.63
C LYS A 28 -8.30 16.08 -2.47
N ASN A 29 -9.48 16.59 -2.86
CA ASN A 29 -9.83 18.01 -2.68
C ASN A 29 -10.03 18.42 -1.21
N LYS A 30 -10.10 17.45 -0.30
CA LYS A 30 -10.15 17.75 1.13
C LYS A 30 -8.74 17.72 1.73
N GLY A 31 -7.77 17.33 0.92
CA GLY A 31 -6.39 17.34 1.38
C GLY A 31 -5.88 16.00 1.87
N LEU A 32 -6.66 14.94 1.69
CA LEU A 32 -6.22 13.60 2.11
C LEU A 32 -5.33 12.98 1.03
N LYS A 33 -4.20 12.40 1.41
CA LYS A 33 -3.39 11.63 0.45
C LYS A 33 -4.15 10.35 0.12
N LEU A 34 -4.17 9.96 -1.16
CA LEU A 34 -4.93 8.78 -1.59
C LEU A 34 -4.25 7.44 -1.27
N ASN A 35 -5.03 6.43 -0.93
CA ASN A 35 -4.51 5.07 -0.78
C ASN A 35 -4.40 4.35 -2.15
N HIS A 36 -4.10 3.07 -2.14
CA HIS A 36 -3.79 2.36 -3.38
C HIS A 36 -5.01 2.15 -4.27
N PRO A 37 -6.13 1.63 -3.70
CA PRO A 37 -7.34 1.49 -4.55
C PRO A 37 -7.93 2.82 -5.03
N GLU A 38 -7.94 3.82 -4.17
CA GLU A 38 -8.27 5.18 -4.61
C GLU A 38 -7.42 5.67 -5.78
N ALA A 39 -6.10 5.50 -5.73
CA ALA A 39 -5.21 5.88 -6.84
C ALA A 39 -5.47 5.12 -8.15
N VAL A 40 -5.71 3.81 -8.01
CA VAL A 40 -6.01 2.95 -9.14
C VAL A 40 -7.31 3.45 -9.80
N ALA A 41 -8.31 3.80 -8.98
CA ALA A 41 -9.61 4.28 -9.47
C ALA A 41 -9.49 5.61 -10.21
N VAL A 42 -8.77 6.55 -9.62
CA VAL A 42 -8.50 7.83 -10.27
C VAL A 42 -7.80 7.62 -11.62
N LEU A 43 -6.75 6.80 -11.63
CA LEU A 43 -5.97 6.65 -12.86
C LEU A 43 -6.77 5.88 -13.94
N SER A 44 -7.57 4.92 -13.49
CA SER A 44 -8.38 4.13 -14.39
C SER A 44 -9.49 4.99 -15.02
N ALA A 45 -10.15 5.82 -14.21
CA ALA A 45 -11.18 6.73 -14.70
C ALA A 45 -10.56 7.71 -15.70
N TYR A 46 -9.28 8.03 -15.49
CA TYR A 46 -8.63 9.00 -16.37
C TYR A 46 -8.48 8.38 -17.75
N VAL A 47 -8.13 7.10 -17.80
CA VAL A 47 -8.06 6.37 -19.06
C VAL A 47 -9.44 6.31 -19.71
N LEU A 48 -10.48 5.95 -18.96
CA LEU A 48 -11.82 5.87 -19.52
C LEU A 48 -12.29 7.21 -20.06
N ASP A 49 -12.11 8.28 -19.28
CA ASP A 49 -12.48 9.65 -19.72
C ASP A 49 -11.75 10.02 -21.01
N GLY A 50 -10.44 9.73 -21.04
CA GLY A 50 -9.64 10.02 -22.24
C GLY A 50 -10.19 9.35 -23.49
N ALA A 51 -10.44 8.05 -23.41
CA ALA A 51 -10.94 7.33 -24.59
C ALA A 51 -12.32 7.87 -25.00
N ARG A 52 -13.18 8.11 -24.00
CA ARG A 52 -14.50 8.72 -24.25
C ARG A 52 -14.38 10.07 -24.94
N GLU A 53 -13.42 10.89 -24.51
CA GLU A 53 -13.16 12.21 -25.10
C GLU A 53 -12.49 12.17 -26.49
N GLY A 54 -12.18 11.00 -27.03
CA GLY A 54 -11.56 10.91 -28.37
C GLY A 54 -10.04 10.93 -28.36
N LYS A 55 -9.45 10.83 -27.18
CA LYS A 55 -8.00 10.90 -27.08
C LYS A 55 -7.42 9.61 -27.64
N THR A 56 -6.21 9.68 -28.18
CA THR A 56 -5.55 8.45 -28.59
C THR A 56 -4.93 7.74 -27.38
N VAL A 57 -4.71 6.44 -27.54
CA VAL A 57 -4.01 5.63 -26.57
C VAL A 57 -2.72 6.30 -26.09
N GLU A 58 -1.98 6.94 -27.00
CA GLU A 58 -0.69 7.56 -26.66
C GLU A 58 -0.85 8.83 -25.83
N GLU A 59 -1.87 9.64 -26.17
CA GLU A 59 -2.17 10.90 -25.45
C GLU A 59 -2.70 10.60 -24.06
N VAL A 60 -3.36 9.45 -23.91
CA VAL A 60 -3.87 9.01 -22.61
C VAL A 60 -2.68 8.58 -21.75
N MET A 61 -1.81 7.72 -22.29
CA MET A 61 -0.51 7.39 -21.66
C MET A 61 0.30 8.63 -21.27
N ASP A 62 0.54 9.51 -22.23
CA ASP A 62 1.28 10.76 -22.02
CA ASP A 62 1.31 10.72 -21.98
C ASP A 62 0.73 11.55 -20.83
N GLY A 63 -0.58 11.79 -20.85
CA GLY A 63 -1.22 12.61 -19.83
C GLY A 63 -1.31 11.99 -18.45
N ALA A 64 -1.35 10.65 -18.41
CA ALA A 64 -1.61 9.91 -17.18
C ALA A 64 -0.47 9.99 -16.17
N ARG A 65 0.72 10.27 -16.69
CA ARG A 65 1.93 10.45 -15.90
C ARG A 65 1.85 11.68 -14.99
N SER A 66 0.95 12.59 -15.32
CA SER A 66 0.79 13.83 -14.58
C SER A 66 -0.46 13.89 -13.69
N VAL A 67 -1.17 12.78 -13.55
CA VAL A 67 -2.45 12.84 -12.82
C VAL A 67 -2.29 12.79 -11.30
N LEU A 68 -1.52 11.81 -10.81
CA LEU A 68 -1.15 11.74 -9.41
C LEU A 68 0.36 11.76 -9.24
N LYS A 69 0.85 12.68 -8.41
CA LYS A 69 2.27 12.78 -8.09
C LYS A 69 2.48 12.02 -6.78
N ALA A 70 3.71 11.58 -6.51
CA ALA A 70 4.03 10.87 -5.25
C ALA A 70 3.45 11.52 -4.01
N ASP A 71 3.49 12.85 -3.94
CA ASP A 71 2.97 13.58 -2.77
C ASP A 71 1.46 13.48 -2.60
N ASP A 72 0.73 13.10 -3.66
CA ASP A 72 -0.74 13.03 -3.61
C ASP A 72 -1.30 11.75 -3.00
N VAL A 73 -0.45 10.74 -2.88
CA VAL A 73 -0.82 9.42 -2.38
C VAL A 73 -0.07 9.14 -1.09
N MET A 74 -0.50 8.09 -0.37
CA MET A 74 0.17 7.67 0.86
C MET A 74 1.58 7.08 0.60
N ASP A 75 2.47 7.14 1.60
CA ASP A 75 3.80 6.51 1.44
C ASP A 75 3.64 5.06 0.98
N GLY A 76 4.50 4.65 0.05
CA GLY A 76 4.50 3.28 -0.45
C GLY A 76 3.56 3.01 -1.63
N VAL A 77 2.63 3.91 -1.90
CA VAL A 77 1.67 3.63 -2.96
C VAL A 77 2.38 3.56 -4.32
N PRO A 78 3.36 4.48 -4.60
CA PRO A 78 4.02 4.39 -5.90
C PRO A 78 4.64 3.03 -6.17
N ASP A 79 5.34 2.42 -5.21
CA ASP A 79 5.93 1.10 -5.47
C ASP A 79 4.92 -0.03 -5.44
N LEU A 80 3.72 0.24 -4.89
CA LEU A 80 2.54 -0.65 -5.04
C LEU A 80 1.93 -0.57 -6.40
N LEU A 81 2.28 0.46 -7.18
CA LEU A 81 1.67 0.68 -8.50
C LEU A 81 2.67 0.75 -9.64
N PRO A 82 3.42 -0.35 -9.91
CA PRO A 82 4.30 -0.31 -11.07
C PRO A 82 3.53 -0.37 -12.41
N LEU A 83 2.27 -0.84 -12.37
CA LEU A 83 1.50 -1.03 -13.59
C LEU A 83 -0.01 -0.97 -13.34
N ILE A 84 -0.69 -0.14 -14.12
CA ILE A 84 -2.16 -0.19 -14.21
C ILE A 84 -2.55 -0.55 -15.63
N GLN A 85 -3.50 -1.47 -15.74
CA GLN A 85 -4.09 -1.83 -17.01
C GLN A 85 -5.60 -1.65 -17.04
N VAL A 86 -6.06 -0.95 -18.06
CA VAL A 86 -7.48 -0.63 -18.19
C VAL A 86 -7.90 -0.82 -19.66
N GLU A 87 -8.98 -1.55 -19.87
CA GLU A 87 -9.60 -1.71 -21.19
C GLU A 87 -10.51 -0.51 -21.41
N ALA A 88 -10.36 0.17 -22.54
CA ALA A 88 -11.29 1.22 -22.93
C ALA A 88 -11.58 1.14 -24.43
N VAL A 89 -12.76 1.66 -24.83
CA VAL A 89 -13.18 1.73 -26.24
C VAL A 89 -12.65 3.02 -26.85
N PHE A 90 -11.69 2.87 -27.76
CA PHE A 90 -11.17 3.95 -28.56
C PHE A 90 -11.81 3.84 -29.94
N SER A 91 -11.36 4.64 -30.91
CA SER A 91 -12.04 4.73 -32.20
C SER A 91 -11.95 3.47 -33.09
N ASP A 92 -10.96 2.62 -32.84
CA ASP A 92 -10.84 1.35 -33.59
C ASP A 92 -11.31 0.16 -32.74
N GLY A 93 -11.78 0.44 -31.52
CA GLY A 93 -12.37 -0.58 -30.69
C GLY A 93 -11.74 -0.66 -29.29
N SER A 94 -11.90 -1.83 -28.69
CA SER A 94 -11.52 -2.13 -27.32
C SER A 94 -10.00 -2.39 -27.27
N ARG A 95 -9.32 -1.70 -26.35
CA ARG A 95 -7.85 -1.76 -26.21
C ARG A 95 -7.46 -1.73 -24.74
N LEU A 96 -6.44 -2.51 -24.41
CA LEU A 96 -5.94 -2.57 -23.04
C LEU A 96 -4.81 -1.54 -22.95
N VAL A 97 -5.03 -0.50 -22.13
CA VAL A 97 -4.10 0.63 -21.97
C VAL A 97 -3.18 0.34 -20.79
N SER A 98 -1.87 0.49 -20.99
CA SER A 98 -0.88 0.19 -19.94
C SER A 98 -0.20 1.45 -19.45
N LEU A 99 -0.30 1.68 -18.14
CA LEU A 99 0.33 2.82 -17.50
C LEU A 99 1.48 2.26 -16.65
N HIS A 100 2.71 2.51 -17.08
CA HIS A 100 3.90 1.96 -16.41
C HIS A 100 4.39 2.95 -15.43
N ASN A 101 4.47 2.56 -14.16
CA ASN A 101 4.98 3.47 -13.15
C ASN A 101 4.35 4.85 -13.29
N PRO A 102 3.00 4.92 -13.27
CA PRO A 102 2.29 6.20 -13.51
C PRO A 102 2.56 7.32 -12.48
N ILE A 103 2.89 6.95 -11.24
CA ILE A 103 2.99 7.90 -10.14
C ILE A 103 4.43 8.01 -9.66
N THR A 104 5.03 9.17 -9.88
CA THR A 104 6.44 9.42 -9.50
C THR A 104 6.46 10.75 -8.76
N LEU B 7 -13.70 -5.10 -5.86
CA LEU B 7 -14.34 -4.85 -4.54
C LEU B 7 -14.86 -6.12 -3.88
N THR B 8 -14.54 -6.28 -2.60
CA THR B 8 -15.27 -7.21 -1.74
C THR B 8 -16.74 -6.76 -1.59
N PRO B 9 -17.63 -7.67 -1.19
CA PRO B 9 -19.02 -7.27 -0.94
C PRO B 9 -19.11 -6.07 0.02
N ARG B 10 -18.37 -6.11 1.13
CA ARG B 10 -18.35 -5.03 2.10
C ARG B 10 -17.86 -3.74 1.46
N GLU B 11 -16.82 -3.83 0.64
CA GLU B 11 -16.31 -2.64 -0.06
C GLU B 11 -17.34 -2.06 -1.01
N PHE B 12 -18.07 -2.94 -1.68
CA PHE B 12 -19.10 -2.50 -2.61
C PHE B 12 -20.26 -1.84 -1.85
N ASP B 13 -20.61 -2.43 -0.70
CA ASP B 13 -21.62 -1.84 0.17
C ASP B 13 -21.29 -0.41 0.56
N LYS B 14 -20.02 -0.16 0.83
CA LYS B 14 -19.59 1.17 1.23
C LYS B 14 -19.70 2.15 0.07
N LEU B 15 -19.35 1.69 -1.13
CA LEU B 15 -19.54 2.50 -2.35
C LEU B 15 -21.01 2.86 -2.57
N VAL B 16 -21.89 1.89 -2.42
CA VAL B 16 -23.31 2.12 -2.53
C VAL B 16 -23.76 3.15 -1.50
N ILE B 17 -23.26 3.07 -0.27
CA ILE B 17 -23.59 4.07 0.73
C ILE B 17 -23.20 5.48 0.27
N HIS B 18 -21.97 5.65 -0.23
CA HIS B 18 -21.52 6.97 -0.71
CA HIS B 18 -21.52 6.97 -0.71
C HIS B 18 -22.36 7.51 -1.85
N MET B 19 -22.71 6.65 -2.80
CA MET B 19 -23.51 7.08 -3.93
CA MET B 19 -23.54 7.02 -3.96
C MET B 19 -24.95 7.42 -3.53
N LEU B 20 -25.56 6.65 -2.60
CA LEU B 20 -26.93 7.03 -2.14
C LEU B 20 -26.92 8.36 -1.36
N SER B 21 -25.85 8.58 -0.60
CA SER B 21 -25.69 9.83 0.17
C SER B 21 -25.53 11.07 -0.76
N ASP B 22 -24.72 10.93 -1.79
CA ASP B 22 -24.59 11.99 -2.80
CA ASP B 22 -24.59 12.01 -2.78
C ASP B 22 -25.96 12.34 -3.42
N VAL B 23 -26.73 11.31 -3.77
CA VAL B 23 -28.07 11.50 -4.30
C VAL B 23 -29.00 12.19 -3.28
N ALA B 24 -28.91 11.77 -2.02
CA ALA B 24 -29.69 12.39 -0.94
C ALA B 24 -29.30 13.86 -0.68
N LEU B 25 -28.01 14.16 -0.73
CA LEU B 25 -27.49 15.50 -0.53
C LEU B 25 -27.90 16.46 -1.67
N LYS B 26 -27.84 15.97 -2.91
CA LYS B 26 -28.39 16.74 -4.03
C LYS B 26 -29.88 17.07 -3.84
N ARG B 27 -30.64 16.10 -3.33
CA ARG B 27 -32.05 16.39 -3.01
C ARG B 27 -32.22 17.39 -1.87
N LYS B 28 -31.37 17.28 -0.84
CA LYS B 28 -31.39 18.25 0.26
C LYS B 28 -31.12 19.63 -0.31
N ASN B 29 -30.10 19.75 -1.17
CA ASN B 29 -29.81 21.03 -1.80
C ASN B 29 -30.93 21.57 -2.65
N LYS B 30 -31.86 20.72 -3.10
CA LYS B 30 -33.04 21.20 -3.84
C LYS B 30 -34.11 21.65 -2.86
N GLY B 31 -33.85 21.48 -1.56
CA GLY B 31 -34.77 21.91 -0.52
C GLY B 31 -35.82 20.85 -0.21
N LEU B 32 -35.54 19.60 -0.59
CA LEU B 32 -36.40 18.47 -0.28
C LEU B 32 -36.10 17.85 1.08
N LYS B 33 -37.15 17.59 1.87
CA LYS B 33 -37.04 16.86 3.12
C LYS B 33 -36.69 15.41 2.81
N LEU B 34 -35.59 14.95 3.40
CA LEU B 34 -35.18 13.57 3.18
C LEU B 34 -36.14 12.54 3.77
N ASN B 35 -36.24 11.40 3.09
CA ASN B 35 -36.97 10.23 3.59
C ASN B 35 -36.02 9.39 4.47
N HIS B 36 -36.54 8.28 4.99
CA HIS B 36 -35.78 7.43 5.87
C HIS B 36 -34.56 6.79 5.26
N PRO B 37 -34.70 6.09 4.11
CA PRO B 37 -33.41 5.54 3.64
C PRO B 37 -32.39 6.63 3.17
N GLU B 38 -32.88 7.78 2.69
CA GLU B 38 -31.98 8.88 2.35
C GLU B 38 -31.17 9.34 3.57
N ALA B 39 -31.87 9.54 4.69
CA ALA B 39 -31.25 9.90 5.97
C ALA B 39 -30.24 8.87 6.42
N VAL B 40 -30.61 7.59 6.37
CA VAL B 40 -29.65 6.50 6.66
C VAL B 40 -28.36 6.59 5.83
N ALA B 41 -28.48 6.79 4.52
CA ALA B 41 -27.28 6.92 3.64
C ALA B 41 -26.38 8.11 4.02
N VAL B 42 -26.99 9.27 4.21
CA VAL B 42 -26.25 10.45 4.62
C VAL B 42 -25.45 10.21 5.94
N LEU B 43 -26.11 9.71 6.97
CA LEU B 43 -25.45 9.53 8.24
C LEU B 43 -24.40 8.43 8.16
N SER B 44 -24.67 7.37 7.38
CA SER B 44 -23.73 6.28 7.16
C SER B 44 -22.49 6.74 6.41
N ALA B 45 -22.68 7.54 5.36
CA ALA B 45 -21.57 8.04 4.59
C ALA B 45 -20.74 8.92 5.48
N TYR B 46 -21.38 9.69 6.35
CA TYR B 46 -20.67 10.50 7.34
C TYR B 46 -19.77 9.65 8.23
N VAL B 47 -20.27 8.53 8.74
CA VAL B 47 -19.39 7.64 9.53
C VAL B 47 -18.19 7.13 8.71
N LEU B 48 -18.47 6.64 7.51
CA LEU B 48 -17.43 6.19 6.60
C LEU B 48 -16.40 7.28 6.32
N ASP B 49 -16.86 8.50 6.00
CA ASP B 49 -15.94 9.67 5.77
C ASP B 49 -15.06 10.05 6.97
N GLY B 50 -15.65 10.10 8.17
CA GLY B 50 -14.91 10.40 9.38
C GLY B 50 -13.83 9.37 9.68
N ALA B 51 -14.17 8.08 9.55
CA ALA B 51 -13.16 7.04 9.73
C ALA B 51 -12.02 7.18 8.72
N ARG B 52 -12.35 7.50 7.46
CA ARG B 52 -11.34 7.59 6.40
C ARG B 52 -10.45 8.81 6.64
N GLU B 53 -11.05 9.87 7.18
CA GLU B 53 -10.31 11.07 7.53
C GLU B 53 -9.45 10.92 8.79
N GLY B 54 -9.56 9.81 9.51
CA GLY B 54 -8.76 9.63 10.75
C GLY B 54 -9.40 10.11 12.05
N LYS B 55 -10.70 10.41 12.03
CA LYS B 55 -11.39 10.71 13.29
C LYS B 55 -11.53 9.45 14.17
N THR B 56 -11.61 9.62 15.48
CA THR B 56 -11.96 8.49 16.33
C THR B 56 -13.46 8.19 16.25
N VAL B 57 -13.83 7.01 16.70
CA VAL B 57 -15.22 6.62 16.87
C VAL B 57 -16.00 7.68 17.67
N GLU B 58 -15.36 8.25 18.70
CA GLU B 58 -16.00 9.22 19.58
C GLU B 58 -16.28 10.55 18.92
N GLU B 59 -15.32 11.03 18.12
CA GLU B 59 -15.52 12.27 17.38
C GLU B 59 -16.58 12.09 16.28
N VAL B 60 -16.61 10.92 15.65
CA VAL B 60 -17.64 10.56 14.66
C VAL B 60 -19.03 10.58 15.31
N MET B 61 -19.20 9.85 16.42
CA MET B 61 -20.46 9.88 17.21
C MET B 61 -20.87 11.31 17.60
N ASP B 62 -19.90 12.08 18.11
CA ASP B 62 -20.15 13.46 18.49
CA ASP B 62 -20.08 13.48 18.48
C ASP B 62 -20.58 14.32 17.31
N GLY B 63 -19.90 14.22 16.16
CA GLY B 63 -20.27 15.00 14.99
C GLY B 63 -21.59 14.60 14.33
N ALA B 64 -21.87 13.29 14.38
CA ALA B 64 -23.03 12.69 13.68
C ALA B 64 -24.38 13.26 14.09
N ARG B 65 -24.49 13.67 15.36
CA ARG B 65 -25.77 14.13 15.91
C ARG B 65 -26.23 15.44 15.31
N SER B 66 -25.35 16.10 14.57
CA SER B 66 -25.60 17.40 14.02
C SER B 66 -25.64 17.40 12.49
N VAL B 67 -25.71 16.23 11.88
CA VAL B 67 -25.59 16.16 10.43
C VAL B 67 -26.97 16.42 9.79
N LEU B 68 -28.02 15.79 10.30
CA LEU B 68 -29.38 16.11 9.89
C LEU B 68 -30.17 16.47 11.12
N LYS B 69 -30.93 17.56 10.99
CA LYS B 69 -31.89 18.02 11.93
C LYS B 69 -33.30 17.53 11.52
N ALA B 70 -34.22 17.56 12.48
CA ALA B 70 -35.64 17.19 12.28
C ALA B 70 -36.25 17.87 11.04
N ASP B 71 -35.94 19.14 10.88
CA ASP B 71 -36.36 19.93 9.72
C ASP B 71 -35.83 19.50 8.38
N ASP B 72 -34.75 18.72 8.38
CA ASP B 72 -34.15 18.22 7.12
C ASP B 72 -34.81 16.94 6.63
N VAL B 73 -35.61 16.30 7.48
CA VAL B 73 -36.18 15.01 7.09
C VAL B 73 -37.70 15.02 7.16
N MET B 74 -38.34 14.06 6.50
CA MET B 74 -39.80 14.08 6.45
C MET B 74 -40.32 13.85 7.86
N ASP B 75 -41.56 14.23 8.12
CA ASP B 75 -42.19 13.96 9.43
C ASP B 75 -42.14 12.46 9.69
N GLY B 76 -41.90 12.08 10.94
CA GLY B 76 -41.84 10.65 11.32
C GLY B 76 -40.45 10.00 11.19
N VAL B 77 -39.58 10.60 10.39
CA VAL B 77 -38.24 10.02 10.16
C VAL B 77 -37.42 9.94 11.44
N PRO B 78 -37.43 10.98 12.32
CA PRO B 78 -36.64 10.78 13.55
C PRO B 78 -36.99 9.54 14.36
N ASP B 79 -38.28 9.26 14.59
CA ASP B 79 -38.71 8.08 15.38
C ASP B 79 -38.58 6.78 14.60
N LEU B 80 -38.36 6.89 13.29
CA LEU B 80 -38.08 5.71 12.46
C LEU B 80 -36.58 5.39 12.58
N LEU B 81 -35.83 6.30 13.20
CA LEU B 81 -34.37 6.21 13.27
C LEU B 81 -33.80 6.25 14.70
N PRO B 82 -34.22 5.32 15.60
CA PRO B 82 -33.60 5.37 16.92
C PRO B 82 -32.12 4.94 16.93
N LEU B 83 -31.68 4.25 15.86
CA LEU B 83 -30.36 3.62 15.81
C LEU B 83 -29.85 3.43 14.38
N ILE B 84 -28.67 3.96 14.10
CA ILE B 84 -27.90 3.52 12.93
C ILE B 84 -26.62 2.83 13.38
N GLN B 85 -26.28 1.74 12.71
CA GLN B 85 -25.02 1.09 12.95
C GLN B 85 -24.27 1.00 11.65
N VAL B 86 -23.00 1.40 11.69
CA VAL B 86 -22.14 1.40 10.51
C VAL B 86 -20.79 0.83 10.88
N GLU B 87 -20.43 -0.26 10.22
CA GLU B 87 -19.08 -0.77 10.23
C GLU B 87 -18.16 0.17 9.41
N ALA B 88 -17.09 0.66 10.02
CA ALA B 88 -16.09 1.48 9.30
C ALA B 88 -14.69 1.11 9.74
N VAL B 89 -13.69 1.32 8.88
CA VAL B 89 -12.31 1.01 9.21
C VAL B 89 -11.58 2.22 9.83
N PHE B 90 -11.29 2.11 11.12
CA PHE B 90 -10.50 3.12 11.85
C PHE B 90 -9.04 2.66 11.95
N SER B 91 -8.24 3.34 12.78
CA SER B 91 -6.79 3.08 12.89
CA SER B 91 -6.80 3.08 12.85
C SER B 91 -6.42 1.73 13.50
N ASP B 92 -7.33 1.14 14.26
CA ASP B 92 -7.05 -0.16 14.86
C ASP B 92 -7.96 -1.27 14.30
N GLY B 93 -8.53 -1.01 13.11
CA GLY B 93 -9.29 -2.04 12.40
C GLY B 93 -10.76 -1.72 12.28
N SER B 94 -11.52 -2.72 11.86
CA SER B 94 -12.97 -2.64 11.65
C SER B 94 -13.68 -2.41 12.97
N ARG B 95 -14.66 -1.50 12.97
CA ARG B 95 -15.42 -1.13 14.17
C ARG B 95 -16.88 -0.92 13.82
N LEU B 96 -17.75 -1.32 14.74
CA LEU B 96 -19.16 -1.06 14.55
C LEU B 96 -19.53 0.19 15.30
N VAL B 97 -19.83 1.26 14.56
CA VAL B 97 -20.23 2.53 15.13
C VAL B 97 -21.74 2.56 15.31
N SER B 98 -22.18 2.95 16.50
CA SER B 98 -23.61 3.11 16.80
C SER B 98 -23.95 4.59 16.95
N LEU B 99 -24.92 5.06 16.16
CA LEU B 99 -25.46 6.41 16.33
C LEU B 99 -26.84 6.32 16.97
N HIS B 100 -26.96 6.79 18.22
CA HIS B 100 -28.22 6.69 18.98
C HIS B 100 -29.04 7.92 18.74
N ASN B 101 -30.29 7.80 18.27
CA ASN B 101 -31.13 9.00 18.09
C ASN B 101 -30.41 10.17 17.36
N PRO B 102 -29.79 9.90 16.19
CA PRO B 102 -28.97 10.97 15.59
C PRO B 102 -29.77 12.21 15.12
N ILE B 103 -31.04 12.05 14.81
CA ILE B 103 -31.77 13.20 14.29
C ILE B 103 -32.74 13.70 15.33
N THR B 104 -32.50 14.93 15.77
CA THR B 104 -33.38 15.59 16.74
C THR B 104 -33.78 17.00 16.27
N MET C 5 -27.12 -1.89 3.78
CA MET C 5 -28.30 -1.00 3.61
C MET C 5 -29.44 -1.58 2.78
N HIS C 6 -29.27 -2.82 2.31
CA HIS C 6 -30.32 -3.59 1.61
C HIS C 6 -31.13 -2.77 0.64
N LEU C 7 -30.76 -2.86 -0.64
CA LEU C 7 -31.58 -2.28 -1.67
C LEU C 7 -32.19 -3.44 -2.42
N THR C 8 -33.48 -3.31 -2.75
CA THR C 8 -34.12 -4.26 -3.66
C THR C 8 -33.46 -4.15 -5.05
N PRO C 9 -33.61 -5.19 -5.90
CA PRO C 9 -33.09 -5.08 -7.25
C PRO C 9 -33.56 -3.82 -7.99
N ARG C 10 -34.82 -3.45 -7.78
CA ARG C 10 -35.41 -2.30 -8.48
C ARG C 10 -34.80 -1.00 -7.98
N GLU C 11 -34.53 -0.94 -6.69
CA GLU C 11 -33.92 0.23 -6.09
C GLU C 11 -32.48 0.41 -6.55
N PHE C 12 -31.74 -0.70 -6.58
CA PHE C 12 -30.39 -0.68 -7.10
C PHE C 12 -30.38 -0.15 -8.54
N ASP C 13 -31.29 -0.63 -9.37
CA ASP C 13 -31.44 -0.14 -10.75
C ASP C 13 -31.63 1.37 -10.80
N LYS C 14 -32.43 1.90 -9.88
CA LYS C 14 -32.63 3.34 -9.79
C LYS C 14 -31.34 4.09 -9.45
N LEU C 15 -30.57 3.55 -8.50
CA LEU C 15 -29.25 4.12 -8.14
C LEU C 15 -28.33 4.12 -9.35
N VAL C 16 -28.32 3.02 -10.11
CA VAL C 16 -27.45 2.89 -11.28
C VAL C 16 -27.81 3.92 -12.35
N ILE C 17 -29.10 4.22 -12.48
CA ILE C 17 -29.58 5.26 -13.42
C ILE C 17 -29.05 6.67 -13.05
N HIS C 18 -29.18 7.00 -11.76
CA HIS C 18 -28.67 8.26 -11.24
CA HIS C 18 -28.66 8.26 -11.23
C HIS C 18 -27.17 8.40 -11.43
N MET C 19 -26.41 7.34 -11.17
CA MET C 19 -24.96 7.42 -11.34
CA MET C 19 -24.95 7.33 -11.35
C MET C 19 -24.53 7.50 -12.83
N LEU C 20 -25.20 6.75 -13.71
CA LEU C 20 -24.97 6.87 -15.17
C LEU C 20 -25.41 8.24 -15.64
N SER C 21 -26.56 8.72 -15.17
CA SER C 21 -26.89 10.10 -15.46
C SER C 21 -25.80 11.09 -15.06
N ASP C 22 -25.28 10.97 -13.84
CA ASP C 22 -24.26 11.91 -13.37
CA ASP C 22 -24.23 11.86 -13.35
C ASP C 22 -23.00 11.88 -14.26
N VAL C 23 -22.51 10.69 -14.60
CA VAL C 23 -21.40 10.54 -15.53
C VAL C 23 -21.71 11.24 -16.89
N ALA C 24 -22.93 11.07 -17.41
CA ALA C 24 -23.30 11.64 -18.69
C ALA C 24 -23.38 13.15 -18.62
N LEU C 25 -23.91 13.67 -17.50
CA LEU C 25 -24.04 15.13 -17.38
C LEU C 25 -22.67 15.84 -17.25
N LYS C 26 -21.74 15.18 -16.56
CA LYS C 26 -20.34 15.63 -16.54
C LYS C 26 -19.72 15.73 -17.95
N ARG C 27 -19.96 14.72 -18.77
CA ARG C 27 -19.56 14.75 -20.19
C ARG C 27 -20.21 15.85 -21.01
N LYS C 28 -21.53 16.01 -20.87
CA LYS C 28 -22.23 17.11 -21.50
C LYS C 28 -21.65 18.48 -21.05
N ASN C 29 -21.37 18.60 -19.75
CA ASN C 29 -20.72 19.76 -19.19
C ASN C 29 -19.41 20.07 -19.88
N LYS C 30 -18.70 19.05 -20.34
CA LYS C 30 -17.46 19.24 -21.05
C LYS C 30 -17.69 19.45 -22.54
N GLY C 31 -18.93 19.59 -22.98
CA GLY C 31 -19.21 19.90 -24.39
C GLY C 31 -19.28 18.69 -25.29
N LEU C 32 -19.27 17.48 -24.71
CA LEU C 32 -19.33 16.23 -25.49
C LEU C 32 -20.78 15.91 -25.83
N LYS C 33 -21.03 15.51 -27.08
CA LYS C 33 -22.36 15.00 -27.44
C LYS C 33 -22.58 13.61 -26.88
N LEU C 34 -23.76 13.40 -26.28
CA LEU C 34 -24.05 12.14 -25.60
C LEU C 34 -24.39 10.98 -26.58
N ASN C 35 -23.93 9.77 -26.25
CA ASN C 35 -24.31 8.63 -27.05
C ASN C 35 -25.67 8.12 -26.59
N HIS C 36 -26.12 7.00 -27.15
CA HIS C 36 -27.46 6.47 -26.82
C HIS C 36 -27.68 6.10 -25.35
N PRO C 37 -26.86 5.19 -24.78
CA PRO C 37 -27.13 4.85 -23.38
C PRO C 37 -26.94 6.05 -22.42
N GLU C 38 -26.02 6.96 -22.73
CA GLU C 38 -25.93 8.19 -21.96
C GLU C 38 -27.20 9.01 -22.00
N ALA C 39 -27.82 9.16 -23.16
CA ALA C 39 -29.05 9.93 -23.27
C ALA C 39 -30.19 9.27 -22.49
N VAL C 40 -30.31 7.95 -22.63
CA VAL C 40 -31.27 7.14 -21.89
C VAL C 40 -31.12 7.32 -20.36
N ALA C 41 -29.88 7.33 -19.86
CA ALA C 41 -29.66 7.54 -18.39
C ALA C 41 -30.13 8.92 -17.96
N VAL C 42 -29.75 9.94 -18.71
CA VAL C 42 -30.13 11.30 -18.33
C VAL C 42 -31.66 11.43 -18.33
N LEU C 43 -32.34 10.90 -19.35
CA LEU C 43 -33.78 11.08 -19.41
C LEU C 43 -34.46 10.23 -18.32
N SER C 44 -33.90 9.05 -18.07
CA SER C 44 -34.45 8.15 -17.07
C SER C 44 -34.29 8.72 -15.66
N ALA C 45 -33.15 9.35 -15.39
CA ALA C 45 -32.93 9.97 -14.08
C ALA C 45 -33.84 11.15 -13.93
N TYR C 46 -34.13 11.84 -15.05
CA TYR C 46 -35.07 12.94 -15.02
C TYR C 46 -36.45 12.53 -14.50
N VAL C 47 -37.02 11.48 -15.07
CA VAL C 47 -38.29 10.92 -14.57
C VAL C 47 -38.21 10.56 -13.09
N LEU C 48 -37.18 9.82 -12.68
CA LEU C 48 -37.04 9.43 -11.28
C LEU C 48 -37.02 10.66 -10.37
N ASP C 49 -36.21 11.66 -10.76
CA ASP C 49 -36.11 12.91 -10.00
C ASP C 49 -37.46 13.62 -9.96
N GLY C 50 -38.12 13.71 -11.13
CA GLY C 50 -39.45 14.31 -11.23
C GLY C 50 -40.44 13.70 -10.25
N ALA C 51 -40.52 12.38 -10.25
CA ALA C 51 -41.38 11.64 -9.33
C ALA C 51 -40.99 11.90 -7.88
N ARG C 52 -39.69 11.90 -7.61
CA ARG C 52 -39.20 12.16 -6.26
C ARG C 52 -39.56 13.57 -5.79
N GLU C 53 -39.61 14.54 -6.71
CA GLU C 53 -39.92 15.93 -6.34
C GLU C 53 -41.41 16.18 -6.24
N GLY C 54 -42.24 15.16 -6.42
CA GLY C 54 -43.69 15.31 -6.33
C GLY C 54 -44.37 15.84 -7.60
N LYS C 55 -43.69 15.81 -8.75
CA LYS C 55 -44.36 16.17 -10.01
C LYS C 55 -45.33 15.06 -10.43
N THR C 56 -46.38 15.41 -11.17
CA THR C 56 -47.27 14.39 -11.72
C THR C 56 -46.61 13.72 -12.93
N VAL C 57 -47.15 12.57 -13.34
CA VAL C 57 -46.71 11.88 -14.55
C VAL C 57 -46.71 12.82 -15.76
N GLU C 58 -47.78 13.62 -15.89
CA GLU C 58 -47.99 14.49 -17.05
C GLU C 58 -46.96 15.60 -17.10
N GLU C 59 -46.65 16.17 -15.94
CA GLU C 59 -45.60 17.19 -15.78
C GLU C 59 -44.20 16.68 -16.17
N VAL C 60 -43.92 15.42 -15.84
CA VAL C 60 -42.64 14.82 -16.16
C VAL C 60 -42.56 14.61 -17.67
N MET C 61 -43.65 14.11 -18.26
CA MET C 61 -43.73 13.93 -19.72
C MET C 61 -43.47 15.26 -20.45
N ASP C 62 -44.18 16.32 -20.03
CA ASP C 62 -44.02 17.67 -20.59
CA ASP C 62 -44.00 17.64 -20.66
C ASP C 62 -42.59 18.17 -20.44
N GLY C 63 -42.10 18.14 -19.21
CA GLY C 63 -40.71 18.53 -18.94
C GLY C 63 -39.63 17.77 -19.72
N ALA C 64 -39.79 16.47 -19.94
CA ALA C 64 -38.72 15.64 -20.51
C ALA C 64 -38.33 16.02 -21.96
N ARG C 65 -39.28 16.59 -22.69
CA ARG C 65 -39.06 17.02 -24.08
C ARG C 65 -37.96 18.08 -24.28
N SER C 66 -37.59 18.83 -23.25
CA SER C 66 -36.56 19.87 -23.40
C SER C 66 -35.26 19.53 -22.68
N VAL C 67 -35.20 18.34 -22.12
CA VAL C 67 -34.02 17.95 -21.37
C VAL C 67 -32.78 17.83 -22.27
N LEU C 68 -32.93 17.16 -23.40
CA LEU C 68 -31.82 16.99 -24.36
C LEU C 68 -32.34 17.34 -25.75
N LYS C 69 -31.66 18.24 -26.48
CA LYS C 69 -32.02 18.53 -27.87
C LYS C 69 -31.12 17.68 -28.78
N ALA C 70 -31.47 17.65 -30.06
CA ALA C 70 -30.74 16.90 -31.07
C ALA C 70 -29.26 17.23 -31.10
N ASP C 71 -28.93 18.52 -30.90
CA ASP C 71 -27.55 18.99 -30.89
CA ASP C 71 -27.55 18.98 -30.90
C ASP C 71 -26.78 18.50 -29.65
N ASP C 72 -27.51 18.11 -28.59
CA ASP C 72 -26.87 17.61 -27.35
C ASP C 72 -26.41 16.16 -27.45
N VAL C 73 -26.84 15.43 -28.50
CA VAL C 73 -26.54 14.00 -28.62
C VAL C 73 -25.88 13.72 -29.97
N MET C 74 -25.16 12.61 -30.09
CA MET C 74 -24.53 12.28 -31.38
C MET C 74 -25.57 12.09 -32.55
N ASP C 75 -25.15 12.26 -33.78
CA ASP C 75 -25.99 11.94 -34.95
C ASP C 75 -26.54 10.56 -34.78
N GLY C 76 -27.83 10.37 -35.13
CA GLY C 76 -28.47 9.06 -35.04
C GLY C 76 -29.18 8.74 -33.74
N VAL C 77 -28.77 9.41 -32.66
CA VAL C 77 -29.34 9.10 -31.36
C VAL C 77 -30.86 9.37 -31.33
N PRO C 78 -31.35 10.54 -31.85
CA PRO C 78 -32.81 10.70 -31.74
C PRO C 78 -33.65 9.57 -32.34
N ASP C 79 -33.27 9.03 -33.50
CA ASP C 79 -34.08 7.98 -34.11
C ASP C 79 -33.76 6.63 -33.51
N LEU C 80 -32.66 6.55 -32.78
CA LEU C 80 -32.41 5.39 -31.91
C LEU C 80 -33.31 5.43 -30.68
N LEU C 81 -33.95 6.57 -30.45
CA LEU C 81 -34.73 6.77 -29.21
C LEU C 81 -36.18 7.22 -29.40
N PRO C 82 -37.01 6.40 -30.07
CA PRO C 82 -38.42 6.75 -30.22
C PRO C 82 -39.23 6.65 -28.92
N LEU C 83 -38.75 5.81 -27.98
CA LEU C 83 -39.45 5.50 -26.73
C LEU C 83 -38.49 5.22 -25.55
N ILE C 84 -38.70 5.93 -24.45
CA ILE C 84 -38.09 5.55 -23.18
C ILE C 84 -39.22 5.25 -22.20
N GLN C 85 -39.09 4.15 -21.46
CA GLN C 85 -40.09 3.81 -20.46
C GLN C 85 -39.38 3.63 -19.15
N VAL C 86 -39.89 4.31 -18.11
CA VAL C 86 -39.23 4.31 -16.80
C VAL C 86 -40.29 4.12 -15.75
N GLU C 87 -40.12 3.13 -14.90
CA GLU C 87 -40.99 3.01 -13.71
C GLU C 87 -40.50 3.99 -12.62
N ALA C 88 -41.40 4.78 -12.03
CA ALA C 88 -41.07 5.60 -10.85
C ALA C 88 -42.24 5.61 -9.86
N VAL C 89 -41.97 5.88 -8.59
CA VAL C 89 -43.05 5.97 -7.59
C VAL C 89 -43.59 7.40 -7.48
N PHE C 90 -44.88 7.56 -7.81
CA PHE C 90 -45.55 8.84 -7.73
C PHE C 90 -46.42 8.81 -6.44
N SER C 91 -47.15 9.88 -6.17
CA SER C 91 -47.87 9.97 -4.91
C SER C 91 -48.99 8.94 -4.79
N ASP C 92 -49.29 8.26 -5.89
CA ASP C 92 -50.26 7.17 -5.82
C ASP C 92 -49.63 5.82 -6.18
N GLY C 93 -48.30 5.74 -6.09
CA GLY C 93 -47.63 4.47 -6.28
C GLY C 93 -46.87 4.37 -7.58
N SER C 94 -46.44 3.16 -7.89
CA SER C 94 -45.54 2.90 -9.01
C SER C 94 -46.31 3.13 -10.32
N ARG C 95 -45.69 3.86 -11.26
CA ARG C 95 -46.29 4.16 -12.56
C ARG C 95 -45.24 3.98 -13.66
N LEU C 96 -45.67 3.48 -14.81
CA LEU C 96 -44.78 3.26 -15.94
C LEU C 96 -44.86 4.52 -16.80
N VAL C 97 -43.79 5.33 -16.80
CA VAL C 97 -43.77 6.59 -17.56
C VAL C 97 -43.18 6.38 -18.97
N SER C 98 -43.95 6.71 -20.01
CA SER C 98 -43.50 6.61 -21.40
C SER C 98 -43.11 7.97 -21.99
N LEU C 99 -41.86 8.09 -22.42
CA LEU C 99 -41.41 9.29 -23.10
C LEU C 99 -41.34 9.00 -24.60
N HIS C 100 -42.15 9.70 -25.37
CA HIS C 100 -42.24 9.48 -26.82
C HIS C 100 -41.39 10.45 -27.56
N ASN C 101 -40.48 9.98 -28.40
CA ASN C 101 -39.68 10.91 -29.18
C ASN C 101 -39.15 12.11 -28.32
N PRO C 102 -38.56 11.85 -27.15
CA PRO C 102 -38.17 12.99 -26.31
C PRO C 102 -37.09 13.94 -26.86
N ILE C 103 -36.24 13.46 -27.77
CA ILE C 103 -35.14 14.29 -28.28
C ILE C 103 -35.45 14.72 -29.69
N THR C 104 -35.75 16.01 -29.83
CA THR C 104 -36.04 16.58 -31.14
C THR C 104 -35.09 17.71 -31.48
N MET D 5 19.61 1.61 -2.56
CA MET D 5 20.31 2.19 -3.76
C MET D 5 20.15 3.71 -3.76
N HIS D 6 19.23 4.20 -2.91
CA HIS D 6 18.98 5.61 -2.66
C HIS D 6 17.91 5.73 -1.59
N LEU D 7 18.16 5.14 -0.42
CA LEU D 7 17.14 4.98 0.64
C LEU D 7 16.78 6.26 1.41
N THR D 8 15.48 6.53 1.52
CA THR D 8 14.98 7.61 2.37
C THR D 8 15.24 7.28 3.84
N PRO D 9 15.24 8.30 4.72
CA PRO D 9 15.41 8.04 6.15
C PRO D 9 14.34 7.10 6.70
N ARG D 10 13.10 7.23 6.21
CA ARG D 10 12.04 6.30 6.60
C ARG D 10 12.39 4.86 6.16
N GLU D 11 12.84 4.68 4.93
CA GLU D 11 13.19 3.36 4.43
C GLU D 11 14.35 2.77 5.22
N PHE D 12 15.34 3.61 5.51
CA PHE D 12 16.48 3.16 6.25
C PHE D 12 16.06 2.63 7.63
N ASP D 13 15.17 3.37 8.30
CA ASP D 13 14.66 2.96 9.62
C ASP D 13 14.03 1.58 9.62
N LYS D 14 13.24 1.29 8.58
CA LYS D 14 12.66 -0.03 8.42
C LYS D 14 13.73 -1.10 8.30
N LEU D 15 14.78 -0.81 7.52
CA LEU D 15 15.82 -1.80 7.29
C LEU D 15 16.56 -2.08 8.58
N VAL D 16 16.80 -1.04 9.37
CA VAL D 16 17.48 -1.16 10.64
C VAL D 16 16.67 -2.07 11.60
N ILE D 17 15.36 -1.88 11.57
CA ILE D 17 14.46 -2.69 12.36
C ILE D 17 14.54 -4.16 12.01
N HIS D 18 14.52 -4.46 10.69
CA HIS D 18 14.63 -5.84 10.24
C HIS D 18 15.96 -6.45 10.66
N MET D 19 17.05 -5.69 10.54
CA MET D 19 18.36 -6.22 10.97
CA MET D 19 18.39 -6.17 10.98
C MET D 19 18.50 -6.36 12.49
N LEU D 20 17.93 -5.42 13.27
CA LEU D 20 17.96 -5.59 14.74
C LEU D 20 17.10 -6.77 15.16
N SER D 21 15.99 -6.97 14.47
CA SER D 21 15.11 -8.09 14.75
C SER D 21 15.79 -9.41 14.42
N ASP D 22 16.40 -9.50 13.24
CA ASP D 22 17.15 -10.71 12.88
C ASP D 22 18.24 -11.03 13.90
N VAL D 23 18.99 -10.03 14.35
CA VAL D 23 20.00 -10.26 15.37
C VAL D 23 19.35 -10.76 16.69
N ALA D 24 18.24 -10.14 17.10
CA ALA D 24 17.57 -10.51 18.34
C ALA D 24 17.01 -11.94 18.25
N LEU D 25 16.51 -12.32 17.07
CA LEU D 25 15.93 -13.65 16.86
C LEU D 25 16.99 -14.76 16.85
N LYS D 26 18.17 -14.48 16.31
CA LYS D 26 19.30 -15.37 16.50
C LYS D 26 19.63 -15.58 17.99
N ARG D 27 19.59 -14.52 18.79
CA ARG D 27 19.85 -14.63 20.23
CA ARG D 27 19.91 -14.69 20.20
C ARG D 27 18.81 -15.51 20.90
N LYS D 28 17.53 -15.30 20.54
CA LYS D 28 16.43 -16.10 21.07
C LYS D 28 16.62 -17.57 20.71
N ASN D 29 17.02 -17.84 19.46
CA ASN D 29 17.38 -19.18 19.03
C ASN D 29 18.44 -19.85 19.93
N LYS D 30 19.31 -19.06 20.54
CA LYS D 30 20.34 -19.65 21.39
C LYS D 30 19.88 -19.68 22.82
N GLY D 31 18.60 -19.40 23.05
CA GLY D 31 18.01 -19.51 24.37
C GLY D 31 18.12 -18.27 25.23
N LEU D 32 18.61 -17.16 24.67
CA LEU D 32 18.75 -15.94 25.45
C LEU D 32 17.45 -15.17 25.60
N LYS D 33 17.18 -14.68 26.81
CA LYS D 33 16.00 -13.86 26.99
C LYS D 33 16.31 -12.49 26.44
N LEU D 34 15.39 -11.92 25.67
CA LEU D 34 15.64 -10.63 25.02
C LEU D 34 15.46 -9.44 25.98
N ASN D 35 16.23 -8.38 25.76
CA ASN D 35 16.03 -7.15 26.51
C ASN D 35 14.93 -6.22 25.92
N HIS D 36 14.75 -5.03 26.47
CA HIS D 36 13.74 -4.13 25.96
C HIS D 36 13.93 -3.72 24.50
N PRO D 37 15.10 -3.16 24.10
CA PRO D 37 15.17 -2.72 22.67
C PRO D 37 15.11 -3.92 21.70
N GLU D 38 15.60 -5.08 22.14
CA GLU D 38 15.53 -6.32 21.37
C GLU D 38 14.11 -6.74 21.15
N ALA D 39 13.28 -6.71 22.20
CA ALA D 39 11.89 -7.08 22.06
C ALA D 39 11.14 -6.08 21.15
N VAL D 40 11.42 -4.79 21.29
CA VAL D 40 10.83 -3.74 20.44
C VAL D 40 11.08 -3.97 18.96
N ALA D 41 12.33 -4.34 18.64
CA ALA D 41 12.74 -4.68 17.29
C ALA D 41 11.99 -5.89 16.73
N VAL D 42 11.89 -6.98 17.50
CA VAL D 42 11.19 -8.16 17.02
C VAL D 42 9.71 -7.83 16.74
N LEU D 43 9.09 -7.09 17.66
CA LEU D 43 7.69 -6.78 17.49
C LEU D 43 7.46 -5.82 16.32
N SER D 44 8.37 -4.87 16.15
CA SER D 44 8.25 -3.89 15.05
C SER D 44 8.43 -4.60 13.71
N ALA D 45 9.44 -5.47 13.64
CA ALA D 45 9.66 -6.26 12.40
C ALA D 45 8.47 -7.09 12.01
N TYR D 46 7.80 -7.62 13.04
CA TYR D 46 6.66 -8.45 12.84
C TYR D 46 5.56 -7.62 12.16
N VAL D 47 5.42 -6.37 12.58
CA VAL D 47 4.42 -5.50 11.99
C VAL D 47 4.78 -5.22 10.53
N LEU D 48 6.05 -4.92 10.29
CA LEU D 48 6.53 -4.63 8.94
C LEU D 48 6.29 -5.82 8.02
N ASP D 49 6.67 -7.01 8.49
CA ASP D 49 6.49 -8.25 7.71
C ASP D 49 5.00 -8.55 7.47
N GLY D 50 4.18 -8.44 8.50
CA GLY D 50 2.73 -8.67 8.36
C GLY D 50 2.16 -7.79 7.26
N ALA D 51 2.51 -6.50 7.28
CA ALA D 51 2.00 -5.55 6.32
C ALA D 51 2.51 -5.90 4.93
N ARG D 52 3.81 -6.25 4.84
CA ARG D 52 4.43 -6.64 3.55
C ARG D 52 3.72 -7.85 2.96
N GLU D 53 3.29 -8.76 3.84
CA GLU D 53 2.72 -10.03 3.46
C GLU D 53 1.27 -9.95 3.03
N GLY D 54 0.67 -8.77 3.11
CA GLY D 54 -0.72 -8.61 2.71
C GLY D 54 -1.75 -8.72 3.83
N LYS D 55 -1.33 -8.79 5.10
CA LYS D 55 -2.29 -8.91 6.21
C LYS D 55 -3.02 -7.59 6.46
N THR D 56 -4.15 -7.65 7.15
CA THR D 56 -4.85 -6.42 7.56
C THR D 56 -4.23 -5.92 8.86
N VAL D 57 -4.49 -4.66 9.20
CA VAL D 57 -4.04 -4.09 10.48
C VAL D 57 -4.56 -4.97 11.61
N GLU D 58 -5.83 -5.33 11.56
CA GLU D 58 -6.42 -6.16 12.61
C GLU D 58 -5.68 -7.48 12.77
N GLU D 59 -5.36 -8.14 11.65
CA GLU D 59 -4.61 -9.39 11.70
C GLU D 59 -3.24 -9.20 12.36
N VAL D 60 -2.55 -8.12 12.01
CA VAL D 60 -1.19 -7.86 12.58
C VAL D 60 -1.30 -7.65 14.10
N MET D 61 -2.22 -6.80 14.54
CA MET D 61 -2.40 -6.59 15.99
C MET D 61 -2.70 -7.87 16.74
N ASP D 62 -3.62 -8.66 16.19
CA ASP D 62 -3.99 -9.97 16.72
CA ASP D 62 -3.97 -9.94 16.78
C ASP D 62 -2.75 -10.84 16.88
N GLY D 63 -2.07 -11.08 15.76
CA GLY D 63 -0.85 -11.87 15.73
C GLY D 63 0.29 -11.40 16.63
N ALA D 64 0.46 -10.09 16.77
CA ALA D 64 1.64 -9.52 17.42
C ALA D 64 1.69 -9.89 18.89
N ARG D 65 0.52 -10.17 19.45
CA ARG D 65 0.33 -10.57 20.85
C ARG D 65 0.90 -11.97 21.21
N SER D 66 1.17 -12.82 20.21
CA SER D 66 1.83 -14.12 20.49
C SER D 66 3.25 -14.25 19.91
N VAL D 67 3.85 -13.13 19.51
CA VAL D 67 5.20 -13.15 18.98
C VAL D 67 6.25 -13.45 20.06
N LEU D 68 6.19 -12.72 21.18
CA LEU D 68 7.04 -13.01 22.36
C LEU D 68 6.18 -13.27 23.59
N LYS D 69 6.53 -14.29 24.36
CA LYS D 69 5.86 -14.51 25.67
C LYS D 69 6.74 -13.85 26.72
N ALA D 70 6.18 -13.70 27.96
CA ALA D 70 6.94 -13.23 29.12
C ALA D 70 8.24 -13.99 29.30
N ASP D 71 8.20 -15.31 29.07
CA ASP D 71 9.37 -16.14 29.32
CA ASP D 71 9.35 -16.19 29.29
C ASP D 71 10.45 -15.95 28.25
N ASP D 72 10.12 -15.25 27.15
CA ASP D 72 11.11 -14.96 26.07
C ASP D 72 11.95 -13.69 26.28
N VAL D 73 11.54 -12.87 27.24
CA VAL D 73 12.19 -11.58 27.52
C VAL D 73 12.59 -11.49 28.99
N MET D 74 13.49 -10.57 29.33
CA MET D 74 13.95 -10.48 30.73
C MET D 74 12.78 -10.11 31.62
N ASP D 75 12.88 -10.48 32.89
CA ASP D 75 11.86 -10.06 33.87
C ASP D 75 11.72 -8.57 33.84
N GLY D 76 10.49 -8.08 33.87
CA GLY D 76 10.27 -6.66 33.80
C GLY D 76 10.07 -6.01 32.45
N VAL D 77 10.52 -6.65 31.38
CA VAL D 77 10.36 -6.12 30.00
C VAL D 77 8.88 -5.97 29.53
N PRO D 78 8.00 -6.96 29.80
CA PRO D 78 6.59 -6.77 29.40
C PRO D 78 5.95 -5.45 29.90
N ASP D 79 6.18 -5.11 31.16
CA ASP D 79 5.72 -3.83 31.74
C ASP D 79 6.30 -2.58 31.12
N LEU D 80 7.41 -2.73 30.41
CA LEU D 80 8.04 -1.59 29.76
C LEU D 80 7.63 -1.43 28.30
N LEU D 81 6.69 -2.25 27.87
CA LEU D 81 6.14 -2.03 26.53
C LEU D 81 4.68 -1.64 26.52
N PRO D 82 4.32 -0.51 27.18
CA PRO D 82 2.88 -0.18 27.11
C PRO D 82 2.41 0.20 25.68
N LEU D 83 3.34 0.70 24.87
CA LEU D 83 3.02 1.25 23.56
C LEU D 83 4.16 1.06 22.55
N ILE D 84 3.89 0.33 21.47
CA ILE D 84 4.81 0.27 20.34
C ILE D 84 4.07 0.76 19.08
N GLN D 85 4.69 1.71 18.39
CA GLN D 85 4.08 2.32 17.20
C GLN D 85 5.01 2.13 16.01
N VAL D 86 4.45 1.62 14.92
CA VAL D 86 5.20 1.28 13.72
C VAL D 86 4.43 1.79 12.51
N GLU D 87 5.11 2.56 11.67
CA GLU D 87 4.57 2.96 10.37
CA GLU D 87 4.59 2.96 10.35
C GLU D 87 4.94 1.87 9.34
N ALA D 88 3.94 1.29 8.70
CA ALA D 88 4.15 0.19 7.75
C ALA D 88 3.27 0.31 6.53
N VAL D 89 3.83 -0.04 5.37
CA VAL D 89 3.12 0.02 4.09
C VAL D 89 2.27 -1.24 3.95
N PHE D 90 0.97 -1.14 4.20
CA PHE D 90 0.07 -2.26 4.00
C PHE D 90 -0.25 -2.38 2.49
N SER D 91 -1.10 -3.33 2.12
CA SER D 91 -1.44 -3.55 0.73
C SER D 91 -2.17 -2.35 0.11
N ASP D 92 -2.71 -1.46 0.95
CA ASP D 92 -3.31 -0.23 0.46
C ASP D 92 -2.48 1.04 0.71
N GLY D 93 -1.31 0.93 1.31
CA GLY D 93 -0.45 2.08 1.57
C GLY D 93 -0.03 2.16 3.03
N SER D 94 0.67 3.25 3.36
CA SER D 94 1.24 3.43 4.68
C SER D 94 0.17 3.67 5.74
N ARG D 95 0.29 2.94 6.85
CA ARG D 95 -0.56 3.08 8.05
C ARG D 95 0.31 2.99 9.31
N LEU D 96 -0.15 3.66 10.35
CA LEU D 96 0.48 3.66 11.65
C LEU D 96 -0.18 2.59 12.53
N VAL D 97 0.58 1.56 12.90
CA VAL D 97 0.10 0.50 13.81
C VAL D 97 0.46 0.81 15.26
N SER D 98 -0.51 0.62 16.15
CA SER D 98 -0.24 0.78 17.58
C SER D 98 -0.49 -0.51 18.34
N LEU D 99 0.55 -0.99 19.04
CA LEU D 99 0.49 -2.18 19.88
C LEU D 99 0.50 -1.75 21.34
N HIS D 100 -0.39 -2.32 22.15
CA HIS D 100 -0.53 -2.00 23.57
C HIS D 100 -0.32 -3.25 24.37
N ASN D 101 0.69 -3.19 25.22
CA ASN D 101 1.18 -4.37 25.95
C ASN D 101 1.14 -5.72 25.22
N PRO D 102 1.82 -5.79 24.06
CA PRO D 102 1.79 -7.01 23.25
C PRO D 102 2.39 -8.27 23.89
N ILE D 103 3.20 -8.14 24.95
CA ILE D 103 3.78 -9.33 25.57
C ILE D 103 3.04 -9.63 26.88
N THR D 104 2.56 -10.86 27.01
CA THR D 104 1.90 -11.29 28.25
C THR D 104 2.39 -12.67 28.67
N MET E 5 33.71 0.20 12.33
CA MET E 5 34.72 -0.21 11.31
C MET E 5 35.39 1.03 10.71
N HIS E 6 34.62 1.78 9.92
CA HIS E 6 35.03 2.98 9.16
C HIS E 6 34.73 2.76 7.70
N LEU E 7 33.45 2.50 7.40
CA LEU E 7 33.03 2.27 6.03
C LEU E 7 32.88 3.59 5.32
N THR E 8 33.48 3.68 4.14
CA THR E 8 33.20 4.76 3.21
C THR E 8 31.72 4.70 2.86
N PRO E 9 31.13 5.83 2.44
CA PRO E 9 29.73 5.79 1.99
C PRO E 9 29.51 4.65 0.97
N ARG E 10 30.46 4.46 0.06
CA ARG E 10 30.39 3.38 -0.94
C ARG E 10 30.33 1.99 -0.32
N GLU E 11 31.20 1.70 0.65
CA GLU E 11 31.20 0.37 1.26
C GLU E 11 29.87 0.16 2.00
N PHE E 12 29.38 1.22 2.63
CA PHE E 12 28.14 1.13 3.34
C PHE E 12 26.99 0.86 2.37
N ASP E 13 26.98 1.51 1.19
CA ASP E 13 25.93 1.24 0.20
C ASP E 13 25.92 -0.23 -0.22
N LYS E 14 27.09 -0.85 -0.30
CA LYS E 14 27.19 -2.27 -0.68
C LYS E 14 26.51 -3.14 0.35
N LEU E 15 26.81 -2.88 1.61
CA LEU E 15 26.24 -3.60 2.73
C LEU E 15 24.72 -3.43 2.76
N VAL E 16 24.23 -2.24 2.42
CA VAL E 16 22.80 -1.95 2.36
C VAL E 16 22.13 -2.79 1.26
N ILE E 17 22.78 -2.89 0.09
CA ILE E 17 22.33 -3.77 -0.96
C ILE E 17 22.21 -5.24 -0.55
N HIS E 18 23.21 -5.76 0.19
CA HIS E 18 23.21 -7.14 0.66
C HIS E 18 22.06 -7.33 1.62
N MET E 19 21.90 -6.41 2.57
CA MET E 19 20.81 -6.52 3.53
CA MET E 19 20.82 -6.48 3.54
C MET E 19 19.44 -6.39 2.86
N LEU E 20 19.25 -5.43 1.95
CA LEU E 20 17.96 -5.32 1.23
C LEU E 20 17.70 -6.58 0.44
N SER E 21 18.74 -7.12 -0.19
CA SER E 21 18.56 -8.33 -0.95
C SER E 21 18.12 -9.54 -0.07
N ASP E 22 18.78 -9.73 1.08
CA ASP E 22 18.45 -10.83 2.01
C ASP E 22 16.99 -10.72 2.45
N VAL E 23 16.55 -9.50 2.74
CA VAL E 23 15.17 -9.28 3.13
C VAL E 23 14.20 -9.60 1.98
N ALA E 24 14.56 -9.24 0.73
CA ALA E 24 13.71 -9.53 -0.43
C ALA E 24 13.66 -11.04 -0.70
N LEU E 25 14.80 -11.73 -0.58
CA LEU E 25 14.81 -13.18 -0.80
C LEU E 25 13.99 -13.96 0.22
N LYS E 26 13.91 -13.47 1.45
CA LYS E 26 13.01 -14.09 2.42
C LYS E 26 11.56 -13.88 2.01
N ARG E 27 11.23 -12.72 1.45
CA ARG E 27 9.87 -12.47 0.98
CA ARG E 27 9.87 -12.48 1.01
C ARG E 27 9.59 -13.37 -0.21
N LYS E 28 10.56 -13.51 -1.10
CA LYS E 28 10.39 -14.37 -2.25
C LYS E 28 10.14 -15.81 -1.77
N ASN E 29 10.93 -16.29 -0.80
CA ASN E 29 10.71 -17.64 -0.26
CA ASN E 29 10.72 -17.65 -0.26
C ASN E 29 9.36 -17.82 0.42
N LYS E 30 8.72 -16.72 0.80
CA LYS E 30 7.33 -16.79 1.31
C LYS E 30 6.33 -16.86 0.17
N GLY E 31 6.83 -16.83 -1.07
CA GLY E 31 5.97 -16.83 -2.25
C GLY E 31 5.43 -15.46 -2.62
N LEU E 32 6.03 -14.39 -2.09
CA LEU E 32 5.60 -13.03 -2.45
C LEU E 32 6.29 -12.52 -3.70
N LYS E 33 5.54 -11.82 -4.57
CA LYS E 33 6.14 -11.14 -5.73
C LYS E 33 6.89 -9.89 -5.33
N LEU E 34 8.12 -9.77 -5.86
CA LEU E 34 8.98 -8.70 -5.47
C LEU E 34 8.56 -7.44 -6.19
N ASN E 35 8.64 -6.30 -5.51
CA ASN E 35 8.41 -5.03 -6.19
C ASN E 35 9.73 -4.56 -6.85
N HIS E 36 9.72 -3.37 -7.45
CA HIS E 36 10.88 -2.84 -8.19
C HIS E 36 12.11 -2.58 -7.33
N PRO E 37 11.97 -1.87 -6.19
CA PRO E 37 13.23 -1.73 -5.41
C PRO E 37 13.73 -3.08 -4.86
N GLU E 38 12.82 -3.99 -4.49
CA GLU E 38 13.24 -5.30 -4.00
C GLU E 38 13.98 -6.03 -5.11
N ALA E 39 13.46 -5.93 -6.34
CA ALA E 39 14.13 -6.58 -7.50
C ALA E 39 15.52 -6.02 -7.73
N VAL E 40 15.66 -4.70 -7.69
CA VAL E 40 16.92 -4.06 -7.95
C VAL E 40 17.98 -4.50 -6.92
N ALA E 41 17.57 -4.62 -5.65
CA ALA E 41 18.45 -5.03 -4.60
C ALA E 41 18.93 -6.46 -4.80
N VAL E 42 18.04 -7.37 -5.18
CA VAL E 42 18.42 -8.78 -5.40
C VAL E 42 19.42 -8.91 -6.58
N LEU E 43 19.17 -8.16 -7.65
CA LEU E 43 20.02 -8.26 -8.82
C LEU E 43 21.36 -7.63 -8.54
N SER E 44 21.34 -6.57 -7.73
CA SER E 44 22.54 -5.84 -7.41
C SER E 44 23.43 -6.67 -6.47
N ALA E 45 22.80 -7.30 -5.47
CA ALA E 45 23.53 -8.17 -4.58
C ALA E 45 24.11 -9.32 -5.34
N TYR E 46 23.37 -9.83 -6.32
CA TYR E 46 23.89 -10.90 -7.16
C TYR E 46 25.21 -10.49 -7.83
N VAL E 47 25.23 -9.30 -8.39
CA VAL E 47 26.48 -8.82 -9.03
C VAL E 47 27.62 -8.77 -7.99
N LEU E 48 27.33 -8.21 -6.80
CA LEU E 48 28.35 -8.03 -5.76
C LEU E 48 28.92 -9.37 -5.34
N ASP E 49 28.00 -10.33 -5.14
CA ASP E 49 28.39 -11.67 -4.72
C ASP E 49 29.23 -12.37 -5.79
N GLY E 50 28.78 -12.32 -7.04
CA GLY E 50 29.59 -12.96 -8.12
C GLY E 50 30.99 -12.41 -8.20
N ALA E 51 31.12 -11.07 -8.12
CA ALA E 51 32.43 -10.42 -8.13
C ALA E 51 33.29 -10.94 -6.97
N ARG E 52 32.69 -11.02 -5.79
CA ARG E 52 33.40 -11.47 -4.59
C ARG E 52 33.87 -12.93 -4.75
N GLU E 53 32.99 -13.78 -5.29
CA GLU E 53 33.28 -15.18 -5.56
C GLU E 53 34.32 -15.42 -6.63
N GLY E 54 34.74 -14.37 -7.32
CA GLY E 54 35.81 -14.52 -8.31
C GLY E 54 35.34 -14.69 -9.75
N LYS E 55 34.04 -14.53 -10.01
CA LYS E 55 33.52 -14.66 -11.39
C LYS E 55 33.99 -13.49 -12.23
N THR E 56 34.00 -13.65 -13.55
CA THR E 56 34.32 -12.53 -14.46
C THR E 56 33.07 -11.68 -14.70
N VAL E 57 33.27 -10.43 -15.14
CA VAL E 57 32.16 -9.56 -15.52
C VAL E 57 31.20 -10.33 -16.43
N GLU E 58 31.75 -11.13 -17.35
CA GLU E 58 30.92 -11.83 -18.34
C GLU E 58 30.03 -12.94 -17.74
N GLU E 59 30.62 -13.79 -16.88
CA GLU E 59 29.86 -14.79 -16.12
C GLU E 59 28.75 -14.19 -15.24
N VAL E 60 29.01 -13.02 -14.67
CA VAL E 60 28.06 -12.37 -13.75
C VAL E 60 26.91 -11.88 -14.60
N MET E 61 27.23 -11.29 -15.75
CA MET E 61 26.21 -10.75 -16.64
C MET E 61 25.33 -11.84 -17.16
N ASP E 62 25.96 -12.94 -17.60
CA ASP E 62 25.21 -14.09 -18.08
CA ASP E 62 25.25 -14.15 -18.05
C ASP E 62 24.29 -14.61 -16.97
N GLY E 63 24.83 -14.87 -15.78
CA GLY E 63 24.02 -15.35 -14.65
C GLY E 63 22.88 -14.45 -14.21
N ALA E 64 23.09 -13.14 -14.26
CA ALA E 64 22.09 -12.15 -13.82
C ALA E 64 20.74 -12.23 -14.54
N ARG E 65 20.71 -12.83 -15.74
CA ARG E 65 19.45 -13.03 -16.50
C ARG E 65 18.58 -14.14 -15.87
N SER E 66 19.15 -14.94 -14.97
CA SER E 66 18.42 -16.08 -14.40
C SER E 66 18.06 -15.92 -12.93
N VAL E 67 18.40 -14.77 -12.36
CA VAL E 67 18.24 -14.59 -10.93
C VAL E 67 16.77 -14.41 -10.57
N LEU E 68 16.03 -13.66 -11.40
CA LEU E 68 14.59 -13.49 -11.16
C LEU E 68 13.88 -13.67 -12.48
N LYS E 69 12.79 -14.44 -12.50
CA LYS E 69 11.89 -14.55 -13.65
C LYS E 69 10.75 -13.54 -13.56
N ALA E 70 10.02 -13.32 -14.67
CA ALA E 70 8.88 -12.42 -14.69
C ALA E 70 7.88 -12.81 -13.59
N ASP E 71 7.69 -14.11 -13.39
CA ASP E 71 6.76 -14.65 -12.40
CA ASP E 71 6.75 -14.64 -12.40
C ASP E 71 7.21 -14.40 -10.95
N ASP E 72 8.46 -14.03 -10.76
CA ASP E 72 8.98 -13.70 -9.42
C ASP E 72 8.68 -12.26 -8.96
N VAL E 73 8.31 -11.37 -9.88
CA VAL E 73 8.14 -9.94 -9.58
C VAL E 73 6.74 -9.46 -9.99
N MET E 74 6.28 -8.35 -9.40
CA MET E 74 4.95 -7.84 -9.76
C MET E 74 4.84 -7.59 -11.27
N ASP E 75 3.61 -7.67 -11.79
CA ASP E 75 3.37 -7.32 -13.20
C ASP E 75 3.88 -5.92 -13.41
N GLY E 76 4.59 -5.70 -14.50
CA GLY E 76 5.06 -4.36 -14.80
C GLY E 76 6.48 -4.04 -14.34
N VAL E 77 7.00 -4.85 -13.41
CA VAL E 77 8.33 -4.62 -12.87
C VAL E 77 9.43 -4.87 -13.93
N PRO E 78 9.35 -5.97 -14.71
CA PRO E 78 10.42 -6.19 -15.70
C PRO E 78 10.65 -5.02 -16.65
N ASP E 79 9.58 -4.35 -17.08
CA ASP E 79 9.67 -3.15 -17.91
C ASP E 79 10.22 -1.92 -17.19
N LEU E 80 10.34 -1.97 -15.86
CA LEU E 80 10.92 -0.82 -15.15
C LEU E 80 12.41 -1.01 -14.86
N LEU E 81 12.96 -2.11 -15.36
CA LEU E 81 14.39 -2.36 -15.19
C LEU E 81 15.17 -2.33 -16.48
N PRO E 82 15.12 -1.22 -17.26
CA PRO E 82 15.92 -1.26 -18.49
C PRO E 82 17.43 -1.29 -18.23
N LEU E 83 17.86 -0.69 -17.13
CA LEU E 83 19.30 -0.58 -16.82
C LEU E 83 19.58 -0.63 -15.34
N ILE E 84 20.43 -1.57 -14.95
CA ILE E 84 20.94 -1.59 -13.59
C ILE E 84 22.47 -1.58 -13.69
N GLN E 85 23.11 -0.69 -12.93
CA GLN E 85 24.56 -0.53 -12.88
C GLN E 85 25.05 -0.71 -11.47
N VAL E 86 26.04 -1.57 -11.28
CA VAL E 86 26.57 -1.82 -9.93
C VAL E 86 28.10 -1.83 -10.05
N GLU E 87 28.75 -1.05 -9.19
CA GLU E 87 30.21 -1.10 -9.08
CA GLU E 87 30.21 -1.09 -9.08
C GLU E 87 30.54 -2.19 -8.07
N ALA E 88 31.39 -3.13 -8.48
CA ALA E 88 31.73 -4.28 -7.65
C ALA E 88 33.22 -4.55 -7.80
N VAL E 89 33.85 -4.92 -6.71
CA VAL E 89 35.27 -5.24 -6.73
C VAL E 89 35.43 -6.66 -7.20
N PHE E 90 35.82 -6.82 -8.47
CA PHE E 90 36.16 -8.12 -9.05
C PHE E 90 37.52 -8.53 -8.57
N SER E 91 37.96 -9.72 -8.97
CA SER E 91 39.25 -10.27 -8.48
C SER E 91 40.43 -9.39 -8.87
N ASP E 92 40.23 -8.53 -9.88
CA ASP E 92 41.32 -7.67 -10.31
C ASP E 92 41.09 -6.19 -9.96
N GLY E 93 40.00 -5.91 -9.25
CA GLY E 93 39.68 -4.53 -8.84
C GLY E 93 38.25 -4.13 -9.19
N SER E 94 37.87 -2.91 -8.80
CA SER E 94 36.51 -2.42 -9.02
C SER E 94 36.13 -2.23 -10.51
N ARG E 95 34.95 -2.69 -10.90
CA ARG E 95 34.43 -2.52 -12.27
CA ARG E 95 34.43 -2.52 -12.28
C ARG E 95 32.94 -2.19 -12.22
N LEU E 96 32.50 -1.40 -13.18
CA LEU E 96 31.10 -1.03 -13.28
C LEU E 96 30.42 -2.08 -14.16
N VAL E 97 29.45 -2.81 -13.61
CA VAL E 97 28.67 -3.83 -14.37
C VAL E 97 27.32 -3.24 -14.77
N SER E 98 26.95 -3.39 -16.05
CA SER E 98 25.65 -2.89 -16.55
C SER E 98 24.73 -4.01 -17.01
N LEU E 99 23.55 -4.10 -16.41
CA LEU E 99 22.58 -5.11 -16.83
C LEU E 99 21.45 -4.44 -17.61
N HIS E 100 21.08 -5.00 -18.75
CA HIS E 100 20.00 -4.42 -19.54
C HIS E 100 18.89 -5.41 -19.58
N ASN E 101 17.73 -4.98 -19.12
CA ASN E 101 16.56 -5.85 -18.93
C ASN E 101 16.87 -7.30 -18.45
N PRO E 102 17.51 -7.43 -17.27
CA PRO E 102 17.86 -8.75 -16.77
C PRO E 102 16.67 -9.70 -16.46
N ILE E 103 15.49 -9.14 -16.23
CA ILE E 103 14.33 -9.98 -15.94
C ILE E 103 13.46 -10.11 -17.17
N THR E 104 13.28 -11.35 -17.63
CA THR E 104 12.39 -11.68 -18.73
C THR E 104 11.50 -12.84 -18.31
N MET F 5 14.13 3.21 15.85
CA MET F 5 14.87 2.59 17.00
C MET F 5 15.81 3.56 17.72
N HIS F 6 15.90 4.80 17.22
CA HIS F 6 16.83 5.82 17.76
C HIS F 6 18.18 5.28 18.23
N LEU F 7 18.91 4.64 17.32
CA LEU F 7 20.19 4.05 17.68
C LEU F 7 21.27 5.11 17.90
N THR F 8 22.04 5.01 18.98
CA THR F 8 23.18 5.89 19.16
C THR F 8 24.23 5.59 18.08
N PRO F 9 25.16 6.54 17.85
CA PRO F 9 26.24 6.31 16.90
C PRO F 9 26.97 4.97 17.15
N ARG F 10 27.24 4.64 18.42
CA ARG F 10 27.91 3.38 18.77
C ARG F 10 27.03 2.13 18.57
N GLU F 11 25.77 2.22 18.97
CA GLU F 11 24.84 1.10 18.82
C GLU F 11 24.77 0.70 17.33
N PHE F 12 24.65 1.70 16.46
CA PHE F 12 24.66 1.48 15.02
C PHE F 12 25.97 0.81 14.53
N ASP F 13 27.12 1.24 15.05
CA ASP F 13 28.40 0.56 14.74
C ASP F 13 28.36 -0.93 15.04
N LYS F 14 27.72 -1.29 16.14
CA LYS F 14 27.66 -2.68 16.56
C LYS F 14 26.86 -3.47 15.56
N LEU F 15 25.73 -2.90 15.15
CA LEU F 15 24.87 -3.57 14.16
C LEU F 15 25.60 -3.75 12.84
N VAL F 16 26.37 -2.75 12.43
CA VAL F 16 27.16 -2.82 11.21
C VAL F 16 28.18 -4.00 11.26
N ILE F 17 28.86 -4.09 12.40
CA ILE F 17 29.75 -5.21 12.66
C ILE F 17 29.04 -6.57 12.47
N HIS F 18 27.87 -6.76 13.07
CA HIS F 18 27.16 -8.03 12.96
CA HIS F 18 27.17 -8.03 12.95
C HIS F 18 26.80 -8.33 11.54
N MET F 19 26.35 -7.32 10.80
CA MET F 19 25.95 -7.51 9.41
CA MET F 19 25.96 -7.51 9.40
C MET F 19 27.16 -7.84 8.51
N LEU F 20 28.28 -7.13 8.73
CA LEU F 20 29.49 -7.36 7.94
C LEU F 20 30.02 -8.76 8.27
N SER F 21 29.97 -9.16 9.54
CA SER F 21 30.35 -10.53 9.92
C SER F 21 29.46 -11.61 9.27
N ASP F 22 28.12 -11.43 9.30
CA ASP F 22 27.22 -12.36 8.64
C ASP F 22 27.52 -12.56 7.14
N VAL F 23 27.78 -11.45 6.46
CA VAL F 23 28.15 -11.46 5.06
C VAL F 23 29.50 -12.18 4.83
N ALA F 24 30.47 -11.94 5.71
CA ALA F 24 31.77 -12.61 5.66
C ALA F 24 31.67 -14.13 5.93
N LEU F 25 30.83 -14.50 6.88
CA LEU F 25 30.69 -15.91 7.25
C LEU F 25 29.95 -16.70 6.17
N LYS F 26 29.05 -16.05 5.43
CA LYS F 26 28.55 -16.67 4.22
C LYS F 26 29.66 -16.89 3.17
N ARG F 27 30.58 -15.95 2.98
CA ARG F 27 31.68 -16.14 2.01
CA ARG F 27 31.65 -16.16 2.00
C ARG F 27 32.59 -17.27 2.46
N LYS F 28 32.88 -17.32 3.77
CA LYS F 28 33.74 -18.37 4.34
C LYS F 28 33.10 -19.75 4.06
N ASN F 29 31.80 -19.90 4.30
CA ASN F 29 31.09 -21.16 4.02
C ASN F 29 31.04 -21.53 2.56
N LYS F 30 31.24 -20.56 1.68
CA LYS F 30 31.39 -20.89 0.28
C LYS F 30 32.84 -21.23 0.01
N GLY F 31 33.64 -21.34 1.06
CA GLY F 31 35.06 -21.70 0.93
C GLY F 31 35.94 -20.56 0.45
N LEU F 32 35.44 -19.31 0.50
CA LEU F 32 36.27 -18.16 0.15
C LEU F 32 37.17 -17.72 1.29
N LYS F 33 38.42 -17.39 0.95
CA LYS F 33 39.35 -16.86 1.94
C LYS F 33 39.04 -15.39 2.23
N LEU F 34 38.92 -15.06 3.53
CA LEU F 34 38.49 -13.73 3.91
C LEU F 34 39.64 -12.71 3.82
N ASN F 35 39.33 -11.47 3.48
CA ASN F 35 40.37 -10.45 3.41
C ASN F 35 40.51 -9.78 4.81
N HIS F 36 41.30 -8.72 4.94
CA HIS F 36 41.47 -8.01 6.26
C HIS F 36 40.20 -7.47 6.95
N PRO F 37 39.46 -6.53 6.30
CA PRO F 37 38.25 -6.05 6.98
C PRO F 37 37.20 -7.15 7.25
N GLU F 38 37.11 -8.16 6.38
CA GLU F 38 36.20 -9.30 6.66
C GLU F 38 36.62 -10.04 7.91
N ALA F 39 37.93 -10.30 8.04
CA ALA F 39 38.41 -10.91 9.27
C ALA F 39 38.11 -10.03 10.51
N VAL F 40 38.34 -8.72 10.39
CA VAL F 40 38.06 -7.81 11.52
C VAL F 40 36.60 -7.91 11.98
N ALA F 41 35.67 -7.92 11.02
CA ALA F 41 34.24 -8.01 11.33
C ALA F 41 33.90 -9.33 12.00
N VAL F 42 34.43 -10.44 11.48
CA VAL F 42 34.10 -11.73 12.07
C VAL F 42 34.60 -11.81 13.53
N LEU F 43 35.82 -11.36 13.79
CA LEU F 43 36.39 -11.42 15.11
C LEU F 43 35.65 -10.46 16.07
N SER F 44 35.28 -9.28 15.55
CA SER F 44 34.63 -8.26 16.35
C SER F 44 33.25 -8.72 16.79
N ALA F 45 32.50 -9.29 15.83
CA ALA F 45 31.20 -9.90 16.06
C ALA F 45 31.27 -11.05 17.07
N TYR F 46 32.33 -11.85 17.01
CA TYR F 46 32.52 -12.94 17.95
C TYR F 46 32.52 -12.40 19.38
N VAL F 47 33.34 -11.36 19.60
CA VAL F 47 33.39 -10.62 20.85
C VAL F 47 32.03 -10.08 21.30
N LEU F 48 31.32 -9.38 20.42
CA LEU F 48 29.99 -8.85 20.71
C LEU F 48 29.00 -9.95 21.11
N ASP F 49 29.01 -11.06 20.36
CA ASP F 49 28.11 -12.20 20.62
C ASP F 49 28.47 -12.88 21.94
N GLY F 50 29.77 -13.06 22.17
CA GLY F 50 30.24 -13.64 23.43
C GLY F 50 29.79 -12.84 24.64
N ALA F 51 29.92 -11.52 24.58
CA ALA F 51 29.50 -10.68 25.69
C ALA F 51 27.98 -10.79 25.89
N ARG F 52 27.23 -10.62 24.80
CA ARG F 52 25.76 -10.79 24.85
C ARG F 52 25.33 -12.15 25.43
N GLU F 53 26.07 -13.19 25.12
CA GLU F 53 25.77 -14.54 25.59
C GLU F 53 26.19 -14.81 27.06
N GLY F 54 26.72 -13.81 27.77
CA GLY F 54 27.03 -14.04 29.18
C GLY F 54 28.44 -14.57 29.42
N LYS F 55 29.28 -14.65 28.40
CA LYS F 55 30.68 -15.03 28.68
C LYS F 55 31.47 -14.00 29.50
N THR F 56 32.54 -14.45 30.16
CA THR F 56 33.49 -13.50 30.75
C THR F 56 34.46 -12.99 29.65
N VAL F 57 35.17 -11.90 29.94
CA VAL F 57 36.24 -11.39 29.06
C VAL F 57 37.26 -12.50 28.76
N GLU F 58 37.58 -13.33 29.75
CA GLU F 58 38.61 -14.36 29.56
C GLU F 58 38.15 -15.45 28.60
N GLU F 59 36.88 -15.81 28.67
CA GLU F 59 36.34 -16.84 27.79
C GLU F 59 36.25 -16.32 26.38
N VAL F 60 35.83 -15.07 26.21
CA VAL F 60 35.79 -14.46 24.89
C VAL F 60 37.21 -14.40 24.29
N MET F 61 38.21 -14.02 25.08
CA MET F 61 39.59 -13.93 24.58
C MET F 61 40.15 -15.30 24.20
N ASP F 62 39.96 -16.28 25.07
CA ASP F 62 40.37 -17.66 24.78
CA ASP F 62 40.40 -17.65 24.76
C ASP F 62 39.67 -18.20 23.54
N GLY F 63 38.39 -17.86 23.38
CA GLY F 63 37.63 -18.32 22.25
C GLY F 63 38.02 -17.62 20.95
N ALA F 64 38.35 -16.33 21.06
CA ALA F 64 38.62 -15.53 19.86
C ALA F 64 39.89 -16.01 19.15
N ARG F 65 40.73 -16.73 19.87
CA ARG F 65 41.95 -17.34 19.33
C ARG F 65 41.69 -18.40 18.25
N SER F 66 40.47 -18.93 18.17
CA SER F 66 40.17 -19.99 17.17
C SER F 66 38.92 -19.75 16.28
N VAL F 67 38.46 -18.51 16.23
CA VAL F 67 37.36 -18.16 15.36
C VAL F 67 37.81 -18.33 13.90
N LEU F 68 39.01 -17.84 13.59
CA LEU F 68 39.60 -17.98 12.26
C LEU F 68 41.04 -18.46 12.40
N LYS F 69 41.41 -19.43 11.58
CA LYS F 69 42.77 -19.92 11.49
C LYS F 69 43.45 -19.29 10.26
N ALA F 70 44.77 -19.49 10.13
CA ALA F 70 45.54 -18.90 9.02
C ALA F 70 44.94 -19.25 7.66
N ASP F 71 44.46 -20.49 7.56
CA ASP F 71 43.92 -21.02 6.32
CA ASP F 71 43.93 -21.01 6.29
C ASP F 71 42.59 -20.41 5.91
N ASP F 72 41.88 -19.80 6.88
CA ASP F 72 40.57 -19.17 6.58
C ASP F 72 40.68 -17.80 5.92
N VAL F 73 41.88 -17.22 5.93
CA VAL F 73 42.01 -15.81 5.52
C VAL F 73 43.09 -15.73 4.48
N MET F 74 43.13 -14.64 3.73
CA MET F 74 44.16 -14.53 2.68
C MET F 74 45.58 -14.57 3.26
N ASP F 75 46.53 -15.03 2.46
CA ASP F 75 47.93 -14.90 2.83
C ASP F 75 48.31 -13.48 3.25
N GLY F 76 48.97 -13.37 4.41
CA GLY F 76 49.40 -12.08 4.92
C GLY F 76 48.43 -11.35 5.84
N VAL F 77 47.20 -11.84 5.91
CA VAL F 77 46.18 -11.18 6.77
C VAL F 77 46.50 -11.33 8.28
N PRO F 78 46.88 -12.54 8.75
CA PRO F 78 47.23 -12.66 10.18
C PRO F 78 48.24 -11.61 10.70
N ASP F 79 49.26 -11.29 9.88
CA ASP F 79 50.24 -10.24 10.23
C ASP F 79 49.69 -8.81 10.21
N LEU F 80 48.50 -8.63 9.65
CA LEU F 80 47.88 -7.30 9.66
C LEU F 80 46.83 -7.18 10.77
N LEU F 81 46.83 -8.15 11.69
CA LEU F 81 45.91 -8.03 12.80
C LEU F 81 46.61 -8.19 14.11
N PRO F 82 47.61 -7.30 14.41
CA PRO F 82 48.22 -7.47 15.71
C PRO F 82 47.28 -7.00 16.84
N LEU F 83 46.28 -6.18 16.52
CA LEU F 83 45.45 -5.57 17.56
C LEU F 83 44.01 -5.33 17.16
N ILE F 84 43.08 -6.04 17.77
CA ILE F 84 41.66 -5.70 17.59
C ILE F 84 41.03 -5.29 18.91
N GLN F 85 40.31 -4.17 18.90
CA GLN F 85 39.68 -3.64 20.10
C GLN F 85 38.22 -3.48 19.83
N VAL F 86 37.39 -4.01 20.73
CA VAL F 86 35.91 -3.97 20.60
C VAL F 86 35.35 -3.59 21.98
N GLU F 87 34.49 -2.57 22.02
CA GLU F 87 33.69 -2.28 23.21
C GLU F 87 32.42 -3.17 23.19
N ALA F 88 32.22 -4.00 24.21
CA ALA F 88 31.01 -4.84 24.23
C ALA F 88 30.40 -4.82 25.60
N VAL F 89 29.07 -4.86 25.66
CA VAL F 89 28.38 -4.96 26.94
C VAL F 89 28.35 -6.41 27.42
N PHE F 90 29.19 -6.69 28.41
CA PHE F 90 29.14 -7.93 29.15
C PHE F 90 27.99 -7.89 30.17
N SER F 91 27.80 -8.97 30.90
CA SER F 91 26.63 -9.10 31.76
C SER F 91 26.71 -8.09 32.91
N ASP F 92 27.91 -7.57 33.18
CA ASP F 92 28.07 -6.54 34.21
C ASP F 92 28.25 -5.14 33.64
N GLY F 93 28.24 -5.02 32.32
CA GLY F 93 28.33 -3.73 31.61
C GLY F 93 29.38 -3.72 30.51
N SER F 94 29.52 -2.58 29.85
CA SER F 94 30.45 -2.37 28.73
C SER F 94 31.93 -2.54 29.13
N ARG F 95 32.69 -3.30 28.34
CA ARG F 95 34.12 -3.50 28.56
CA ARG F 95 34.12 -3.39 28.55
C ARG F 95 34.87 -3.39 27.22
N LEU F 96 36.09 -2.88 27.26
CA LEU F 96 36.93 -2.80 26.06
C LEU F 96 37.71 -4.12 25.99
N VAL F 97 37.52 -4.89 24.92
CA VAL F 97 38.23 -6.16 24.75
C VAL F 97 39.33 -6.02 23.71
N SER F 98 40.51 -6.51 24.06
CA SER F 98 41.68 -6.40 23.21
C SER F 98 42.16 -7.77 22.83
N LEU F 99 42.29 -8.00 21.52
CA LEU F 99 42.86 -9.25 21.03
C LEU F 99 44.17 -8.95 20.34
N HIS F 100 45.17 -9.77 20.63
CA HIS F 100 46.51 -9.60 20.09
C HIS F 100 46.80 -10.79 19.23
N ASN F 101 47.10 -10.52 17.97
CA ASN F 101 47.21 -11.56 16.95
C ASN F 101 46.32 -12.79 17.16
N PRO F 102 45.00 -12.62 17.04
CA PRO F 102 44.09 -13.74 17.27
C PRO F 102 44.07 -14.83 16.18
N ILE F 103 44.57 -14.51 15.00
CA ILE F 103 44.58 -15.52 13.95
C ILE F 103 46.00 -16.09 13.87
N THR F 104 46.09 -17.41 14.01
CA THR F 104 47.35 -18.14 13.84
C THR F 104 47.14 -19.34 12.91
#